data_8A0H
#
_entry.id   8A0H
#
_cell.length_a   37.735
_cell.length_b   61.366
_cell.length_c   145.075
_cell.angle_alpha   90.000
_cell.angle_beta   90.000
_cell.angle_gamma   90.000
#
_symmetry.space_group_name_H-M   'P 21 21 21'
#
loop_
_entity.id
_entity.type
_entity.pdbx_description
1 polymer 'OCP N-terminal domain-containing protein'
2 non-polymer beta,beta-caroten-4-one
3 non-polymer 'SULFATE ION'
4 water water
#
_entity_poly.entity_id   1
_entity_poly.type   'polypeptide(L)'
_entity_poly.pdbx_seq_one_letter_code
;GPHMPFTLASAQAIFAGVAPSRIPAILAEFNRLSIEDRLGLLWFAYTETGRSITRAALGAASMSLVENLLNEIKQKSRAE
QTQVMIDIASRADTPISRSYGYFSANTKLGFWYQLAEWMAQGLVAPAPKDYQLSSAANDLFNTIKKLDGGQQIQVLRDIV
VNMGFDASVAPAPAPKAEEFQFERTEPVVSGLKVDGINDPTPLAYFEAMNRDDFETAVNLFAEDGALQPPFQKPIVGREA
ILKYMREEAQGLNMRPAQGIAEVLPDGSKQLRVTGKVQTPWFGVNVAMNLAWRFALNPDGKIFFVAIDMLGSPEELLNLR
PPSYR
;
_entity_poly.pdbx_strand_id   A
#
loop_
_chem_comp.id
_chem_comp.type
_chem_comp.name
_chem_comp.formula
ECH non-polymer beta,beta-caroten-4-one 'C40 H54 O'
SO4 non-polymer 'SULFATE ION' 'O4 S -2'
#
# COMPACT_ATOMS: atom_id res chain seq x y z
N PRO A 2 1.70 -19.73 -28.03
CA PRO A 2 3.05 -19.17 -27.82
C PRO A 2 2.86 -18.33 -26.57
N HIS A 3 2.45 -19.11 -25.56
CA HIS A 3 2.16 -18.62 -24.25
C HIS A 3 3.56 -18.22 -23.78
N MET A 4 4.62 -19.04 -23.87
CA MET A 4 5.88 -18.64 -23.23
C MET A 4 6.88 -18.00 -24.20
N PRO A 5 7.79 -17.08 -23.75
CA PRO A 5 7.86 -16.58 -22.37
C PRO A 5 6.81 -15.54 -21.98
N PHE A 6 6.72 -15.32 -20.64
CA PHE A 6 5.80 -14.33 -20.09
C PHE A 6 6.13 -12.96 -20.71
N THR A 7 5.07 -12.23 -20.98
CA THR A 7 5.16 -10.77 -21.08
C THR A 7 4.51 -10.13 -19.86
N LEU A 8 4.57 -8.79 -19.71
CA LEU A 8 3.91 -8.25 -18.53
C LEU A 8 2.42 -8.59 -18.50
N ALA A 9 1.74 -8.49 -19.66
CA ALA A 9 0.32 -8.73 -19.75
C ALA A 9 0.00 -10.17 -19.38
N SER A 10 0.71 -11.14 -19.91
CA SER A 10 0.40 -12.55 -19.68
C SER A 10 0.75 -12.90 -18.21
N ALA A 11 1.79 -12.28 -17.68
CA ALA A 11 2.10 -12.42 -16.25
C ALA A 11 1.00 -11.85 -15.39
N GLN A 12 0.48 -10.64 -15.75
CA GLN A 12 -0.59 -10.03 -14.96
C GLN A 12 -1.83 -10.91 -14.86
N ALA A 13 -2.01 -11.73 -15.89
CA ALA A 13 -3.21 -12.54 -16.06
C ALA A 13 -3.14 -13.85 -15.31
N ILE A 14 -2.01 -14.23 -14.66
CA ILE A 14 -1.95 -15.54 -14.04
C ILE A 14 -3.00 -15.67 -12.91
N PHE A 15 -3.53 -16.88 -12.75
CA PHE A 15 -4.50 -17.22 -11.69
C PHE A 15 -5.74 -16.29 -11.71
N ALA A 16 -6.21 -16.00 -12.92
CA ALA A 16 -7.37 -15.14 -13.18
C ALA A 16 -7.14 -13.66 -12.91
N GLY A 17 -5.90 -13.21 -12.74
CA GLY A 17 -5.64 -11.79 -12.58
C GLY A 17 -5.83 -11.35 -11.14
N VAL A 18 -6.10 -10.05 -10.95
CA VAL A 18 -6.20 -9.55 -9.58
C VAL A 18 -7.35 -10.21 -8.85
N ALA A 19 -7.09 -10.69 -7.61
CA ALA A 19 -8.12 -11.23 -6.75
C ALA A 19 -9.31 -10.28 -6.78
N PRO A 20 -10.54 -10.78 -7.00
CA PRO A 20 -11.72 -9.92 -6.88
C PRO A 20 -11.85 -9.29 -5.50
N SER A 21 -12.35 -8.03 -5.50
CA SER A 21 -12.39 -7.19 -4.34
C SER A 21 -13.54 -6.17 -4.45
N ARG A 22 -14.11 -5.83 -3.31
CA ARG A 22 -15.03 -4.71 -3.23
C ARG A 22 -14.28 -3.37 -3.22
N ILE A 23 -12.96 -3.36 -2.95
CA ILE A 23 -12.23 -2.11 -2.77
C ILE A 23 -12.35 -1.17 -4.00
N PRO A 24 -12.08 -1.61 -5.24
CA PRO A 24 -12.18 -0.69 -6.38
C PRO A 24 -13.52 0.07 -6.44
N ALA A 25 -14.63 -0.62 -6.17
CA ALA A 25 -15.93 0.04 -6.32
C ALA A 25 -16.08 1.04 -5.20
N ILE A 26 -15.58 0.68 -4.00
CA ILE A 26 -15.63 1.61 -2.88
C ILE A 26 -14.84 2.88 -3.17
N LEU A 27 -13.60 2.77 -3.67
CA LEU A 27 -12.76 3.90 -3.99
C LEU A 27 -13.39 4.78 -5.09
N ALA A 28 -14.03 4.12 -6.06
CA ALA A 28 -14.68 4.87 -7.15
C ALA A 28 -15.90 5.64 -6.62
N GLU A 29 -16.67 4.98 -5.75
CA GLU A 29 -17.79 5.67 -5.10
C GLU A 29 -17.31 6.80 -4.23
N PHE A 30 -16.23 6.61 -3.46
CA PHE A 30 -15.68 7.68 -2.65
C PHE A 30 -15.28 8.89 -3.46
N ASN A 31 -14.67 8.65 -4.61
CA ASN A 31 -14.12 9.68 -5.45
C ASN A 31 -15.22 10.51 -6.13
N ARG A 32 -16.45 9.94 -6.20
CA ARG A 32 -17.61 10.69 -6.75
C ARG A 32 -18.28 11.56 -5.69
N LEU A 33 -17.96 11.45 -4.39
CA LEU A 33 -18.58 12.28 -3.36
C LEU A 33 -18.01 13.70 -3.42
N SER A 34 -18.71 14.62 -2.77
CA SER A 34 -18.22 15.97 -2.59
C SER A 34 -16.97 15.93 -1.73
N ILE A 35 -16.10 16.94 -1.88
CA ILE A 35 -14.89 17.02 -1.08
C ILE A 35 -15.18 17.05 0.44
N GLU A 36 -16.25 17.72 0.88
CA GLU A 36 -16.61 17.77 2.28
C GLU A 36 -17.02 16.40 2.80
N ASP A 37 -17.83 15.67 2.01
CA ASP A 37 -18.24 14.31 2.31
C ASP A 37 -17.00 13.41 2.42
N ARG A 38 -16.02 13.61 1.56
CA ARG A 38 -14.80 12.79 1.61
C ARG A 38 -14.03 13.03 2.89
N LEU A 39 -13.80 14.31 3.23
CA LEU A 39 -13.09 14.64 4.46
C LEU A 39 -13.84 14.21 5.69
N GLY A 40 -15.19 14.34 5.65
CA GLY A 40 -15.94 13.91 6.82
C GLY A 40 -15.91 12.39 6.98
N LEU A 41 -15.99 11.66 5.85
CA LEU A 41 -15.93 10.21 5.88
C LEU A 41 -14.55 9.74 6.37
N LEU A 42 -13.47 10.40 5.95
CA LEU A 42 -12.13 10.09 6.43
C LEU A 42 -11.98 10.30 7.95
N TRP A 43 -12.61 11.35 8.46
CA TRP A 43 -12.63 11.52 9.90
C TRP A 43 -13.25 10.29 10.60
N PHE A 44 -14.42 9.81 10.14
CA PHE A 44 -15.10 8.67 10.79
C PHE A 44 -14.34 7.37 10.57
N ALA A 45 -13.83 7.15 9.35
CA ALA A 45 -13.06 5.95 8.99
C ALA A 45 -11.84 5.83 9.89
N TYR A 46 -11.15 6.96 10.13
CA TYR A 46 -10.01 7.05 11.00
C TYR A 46 -10.33 6.91 12.49
N THR A 47 -11.48 7.40 12.95
CA THR A 47 -11.97 7.16 14.29
C THR A 47 -12.11 5.66 14.62
N GLU A 48 -12.53 4.79 13.68
CA GLU A 48 -12.43 3.33 13.87
C GLU A 48 -10.96 2.94 14.15
N THR A 49 -10.03 3.32 13.26
CA THR A 49 -8.71 2.69 13.13
C THR A 49 -7.57 3.48 13.84
N GLY A 50 -7.79 4.75 14.25
CA GLY A 50 -6.73 5.59 14.76
C GLY A 50 -6.12 5.12 16.08
N ARG A 51 -6.93 4.43 16.92
CA ARG A 51 -6.47 3.87 18.20
C ARG A 51 -5.34 2.86 17.97
N SER A 52 -5.43 2.06 16.89
CA SER A 52 -4.48 0.94 16.70
C SER A 52 -3.27 1.34 15.86
N ILE A 53 -3.17 2.62 15.43
CA ILE A 53 -2.05 3.12 14.66
C ILE A 53 -0.84 3.19 15.59
N THR A 54 0.30 2.74 15.11
CA THR A 54 1.55 2.80 15.83
C THR A 54 1.90 4.27 16.06
N ARG A 55 2.11 4.64 17.33
CA ARG A 55 2.49 5.98 17.70
C ARG A 55 3.97 6.15 17.39
N ALA A 56 4.31 7.34 16.86
CA ALA A 56 5.67 7.75 16.65
C ALA A 56 6.39 6.82 15.67
N ALA A 57 5.70 6.32 14.66
CA ALA A 57 6.27 5.30 13.75
C ALA A 57 7.36 5.87 12.84
N LEU A 58 7.13 7.03 12.21
CA LEU A 58 8.12 7.52 11.22
C LEU A 58 9.41 7.98 11.87
N GLY A 59 10.53 7.74 11.16
CA GLY A 59 11.86 8.23 11.47
C GLY A 59 11.97 9.78 11.37
N ALA A 60 13.11 10.31 11.84
CA ALA A 60 13.36 11.74 12.03
C ALA A 60 13.19 12.55 10.75
N ALA A 61 13.84 12.14 9.67
CA ALA A 61 13.88 12.94 8.44
C ALA A 61 12.49 13.10 7.81
N SER A 62 11.73 11.99 7.74
CA SER A 62 10.33 12.07 7.34
C SER A 62 9.52 12.96 8.29
N MET A 63 9.75 12.89 9.59
CA MET A 63 8.95 13.62 10.57
C MET A 63 9.22 15.12 10.46
N SER A 64 10.47 15.44 10.13
CA SER A 64 10.82 16.83 9.86
C SER A 64 10.01 17.43 8.69
N LEU A 65 9.82 16.67 7.61
CA LEU A 65 9.04 17.16 6.46
C LEU A 65 7.57 17.39 6.87
N VAL A 66 6.99 16.40 7.57
CA VAL A 66 5.63 16.54 8.09
C VAL A 66 5.49 17.83 8.95
N GLU A 67 6.47 18.03 9.85
CA GLU A 67 6.41 19.07 10.89
C GLU A 67 6.62 20.45 10.26
N ASN A 68 7.53 20.59 9.29
CA ASN A 68 7.70 21.83 8.54
C ASN A 68 6.40 22.24 7.82
N LEU A 69 5.76 21.28 7.11
CA LEU A 69 4.57 21.61 6.36
C LEU A 69 3.42 21.90 7.31
N LEU A 70 3.31 21.11 8.37
CA LEU A 70 2.26 21.33 9.34
C LEU A 70 2.45 22.66 10.06
N ASN A 71 3.69 23.09 10.31
CA ASN A 71 3.98 24.45 10.80
C ASN A 71 3.41 25.55 9.90
N GLU A 72 3.75 25.54 8.60
CA GLU A 72 3.17 26.48 7.63
C GLU A 72 1.64 26.47 7.77
N ILE A 73 1.01 25.29 8.00
CA ILE A 73 -0.44 25.16 8.14
C ILE A 73 -0.94 25.75 9.47
N LYS A 74 -0.23 25.47 10.57
CA LYS A 74 -0.59 25.86 11.93
C LYS A 74 -0.76 27.39 12.07
N GLN A 75 0.10 28.18 11.43
CA GLN A 75 0.02 29.64 11.52
C GLN A 75 -0.89 30.29 10.47
N LYS A 76 -1.67 29.48 9.73
CA LYS A 76 -2.81 29.95 8.94
C LYS A 76 -4.03 30.09 9.87
N SER A 77 -5.03 30.87 9.46
CA SER A 77 -6.30 30.98 10.17
C SER A 77 -7.13 29.69 10.05
N ARG A 78 -8.08 29.46 11.00
CA ARG A 78 -9.01 28.34 10.95
C ARG A 78 -9.64 28.19 9.56
N ALA A 79 -9.93 29.30 8.86
CA ALA A 79 -10.58 29.26 7.55
C ALA A 79 -9.60 28.79 6.47
N GLU A 80 -8.37 29.30 6.55
CA GLU A 80 -7.33 28.97 5.60
C GLU A 80 -6.90 27.50 5.77
N GLN A 81 -6.82 27.02 7.03
CA GLN A 81 -6.56 25.63 7.40
C GLN A 81 -7.61 24.70 6.83
N THR A 82 -8.89 25.02 7.03
CA THR A 82 -9.99 24.31 6.41
C THR A 82 -9.77 24.26 4.90
N GLN A 83 -9.39 25.38 4.29
CA GLN A 83 -9.26 25.38 2.84
C GLN A 83 -8.05 24.54 2.39
N VAL A 84 -7.00 24.51 3.20
CA VAL A 84 -5.82 23.76 2.80
C VAL A 84 -6.14 22.24 2.79
N MET A 85 -6.94 21.74 3.73
CA MET A 85 -7.32 20.32 3.74
C MET A 85 -8.13 19.94 2.50
N ILE A 86 -9.05 20.86 2.10
CA ILE A 86 -9.74 20.78 0.82
C ILE A 86 -8.81 20.74 -0.40
N ASP A 87 -7.79 21.62 -0.47
CA ASP A 87 -6.88 21.73 -1.61
C ASP A 87 -6.07 20.42 -1.77
N ILE A 88 -5.54 19.94 -0.65
CA ILE A 88 -4.78 18.66 -0.66
C ILE A 88 -5.69 17.49 -1.08
N ALA A 89 -6.85 17.37 -0.42
CA ALA A 89 -7.76 16.25 -0.69
C ALA A 89 -8.33 16.25 -2.10
N SER A 90 -8.49 17.42 -2.72
CA SER A 90 -9.00 17.53 -4.07
C SER A 90 -7.87 17.59 -5.13
N ARG A 91 -6.57 17.50 -4.73
CA ARG A 91 -5.45 17.59 -5.64
C ARG A 91 -5.47 18.93 -6.41
N ALA A 92 -5.91 20.00 -5.77
CA ALA A 92 -5.81 21.37 -6.29
C ALA A 92 -4.33 21.76 -6.49
N ASP A 93 -4.07 22.59 -7.52
CA ASP A 93 -2.77 23.24 -7.70
C ASP A 93 -2.61 24.41 -6.72
N THR A 94 -1.99 24.16 -5.58
CA THR A 94 -1.61 25.12 -4.55
C THR A 94 -0.19 24.79 -4.10
N PRO A 95 0.58 25.73 -3.53
CA PRO A 95 1.92 25.41 -3.02
C PRO A 95 1.95 24.27 -1.99
N ILE A 96 1.03 24.30 -1.02
CA ILE A 96 0.97 23.26 0.02
C ILE A 96 0.53 21.92 -0.58
N SER A 97 -0.41 21.94 -1.53
CA SER A 97 -0.81 20.68 -2.16
C SER A 97 0.34 20.16 -3.02
N ARG A 98 1.11 21.03 -3.71
CA ARG A 98 2.30 20.58 -4.46
C ARG A 98 3.36 19.97 -3.53
N SER A 99 3.62 20.62 -2.39
CA SER A 99 4.54 20.13 -1.36
C SER A 99 4.12 18.74 -0.87
N TYR A 100 2.84 18.58 -0.59
CA TYR A 100 2.32 17.25 -0.21
C TYR A 100 2.48 16.23 -1.32
N GLY A 101 2.22 16.65 -2.57
CA GLY A 101 2.38 15.79 -3.71
C GLY A 101 3.79 15.22 -3.84
N TYR A 102 4.80 15.99 -3.43
CA TYR A 102 6.18 15.54 -3.51
C TYR A 102 6.55 14.51 -2.43
N PHE A 103 5.76 14.40 -1.35
CA PHE A 103 6.02 13.43 -0.28
C PHE A 103 5.94 11.99 -0.82
N SER A 104 6.83 11.09 -0.32
N SER A 104 6.78 11.14 -0.21
CA SER A 104 6.66 9.67 -0.55
CA SER A 104 6.68 9.70 -0.36
C SER A 104 5.44 9.23 0.26
C SER A 104 5.39 9.25 0.30
N ALA A 105 4.93 8.03 -0.03
CA ALA A 105 3.68 7.56 0.53
C ALA A 105 3.62 7.59 2.06
N ASN A 106 4.65 7.09 2.76
CA ASN A 106 4.60 7.00 4.22
C ASN A 106 4.71 8.40 4.86
N THR A 107 5.38 9.34 4.15
CA THR A 107 5.41 10.78 4.56
C THR A 107 4.03 11.44 4.48
N LYS A 108 3.27 11.11 3.44
CA LYS A 108 1.83 11.51 3.32
C LYS A 108 1.00 10.98 4.48
N LEU A 109 1.11 9.65 4.78
CA LEU A 109 0.35 9.09 5.89
C LEU A 109 0.72 9.75 7.24
N GLY A 110 2.03 10.03 7.43
CA GLY A 110 2.54 10.65 8.63
C GLY A 110 2.02 12.07 8.80
N PHE A 111 1.92 12.77 7.67
CA PHE A 111 1.36 14.12 7.67
C PHE A 111 -0.05 14.14 8.26
N TRP A 112 -0.93 13.25 7.78
CA TRP A 112 -2.31 13.22 8.24
C TRP A 112 -2.41 12.73 9.66
N TYR A 113 -1.53 11.74 10.02
CA TYR A 113 -1.49 11.31 11.40
C TYR A 113 -1.24 12.51 12.34
N GLN A 114 -0.21 13.30 12.01
CA GLN A 114 0.22 14.37 12.90
C GLN A 114 -0.87 15.47 12.90
N LEU A 115 -1.41 15.77 11.71
CA LEU A 115 -2.54 16.72 11.58
C LEU A 115 -3.67 16.24 12.48
N ALA A 116 -4.07 14.93 12.45
CA ALA A 116 -5.20 14.41 13.24
C ALA A 116 -4.94 14.58 14.75
N GLU A 117 -3.69 14.40 15.19
CA GLU A 117 -3.26 14.66 16.57
C GLU A 117 -3.50 16.14 16.90
N TRP A 118 -3.04 17.06 16.04
CA TRP A 118 -3.23 18.50 16.25
C TRP A 118 -4.70 18.88 16.27
N MET A 119 -5.51 18.37 15.33
CA MET A 119 -6.95 18.56 15.40
C MET A 119 -7.55 18.20 16.79
N ALA A 120 -6.96 17.18 17.46
CA ALA A 120 -7.28 16.80 18.83
C ALA A 120 -6.67 17.75 19.87
N GLN A 121 -5.49 18.34 19.65
CA GLN A 121 -4.98 19.36 20.56
C GLN A 121 -5.69 20.71 20.32
N GLY A 122 -6.49 20.83 19.25
CA GLY A 122 -7.14 22.10 18.96
C GLY A 122 -6.15 23.07 18.34
N LEU A 123 -5.04 22.53 17.81
CA LEU A 123 -4.03 23.32 17.13
C LEU A 123 -4.38 23.57 15.66
N VAL A 124 -5.44 22.91 15.16
CA VAL A 124 -5.86 22.88 13.75
C VAL A 124 -7.39 22.67 13.71
N ALA A 125 -8.09 23.30 12.75
CA ALA A 125 -9.55 23.33 12.66
C ALA A 125 -10.14 21.93 12.56
N PRO A 126 -11.14 21.58 13.39
CA PRO A 126 -11.76 20.26 13.34
C PRO A 126 -12.85 20.14 12.28
N ALA A 127 -12.65 20.78 11.11
CA ALA A 127 -13.71 20.92 10.11
C ALA A 127 -14.22 19.57 9.61
N PRO A 128 -13.32 18.59 9.29
CA PRO A 128 -13.74 17.21 8.97
C PRO A 128 -14.67 16.53 9.98
N LYS A 129 -14.43 16.77 11.30
CA LYS A 129 -15.23 16.24 12.40
C LYS A 129 -16.69 16.70 12.26
N ASP A 130 -16.89 17.95 11.81
CA ASP A 130 -18.18 18.63 11.88
C ASP A 130 -18.94 18.65 10.56
N TYR A 131 -18.31 18.29 9.41
CA TYR A 131 -19.02 18.13 8.15
C TYR A 131 -20.25 17.23 8.25
N GLN A 132 -21.31 17.69 7.59
CA GLN A 132 -22.60 17.03 7.49
C GLN A 132 -22.60 16.05 6.30
N LEU A 133 -22.45 14.74 6.56
CA LEU A 133 -22.43 13.81 5.45
C LEU A 133 -23.77 13.60 4.78
N SER A 134 -23.75 13.51 3.45
CA SER A 134 -24.84 13.09 2.58
C SER A 134 -25.26 11.63 2.83
N SER A 135 -26.44 11.28 2.37
CA SER A 135 -26.86 9.88 2.36
C SER A 135 -25.86 8.99 1.64
N ALA A 136 -25.44 9.40 0.45
CA ALA A 136 -24.47 8.64 -0.32
C ALA A 136 -23.23 8.36 0.56
N ALA A 137 -22.73 9.38 1.29
CA ALA A 137 -21.55 9.22 2.14
C ALA A 137 -21.77 8.27 3.32
N ASN A 138 -22.93 8.40 3.97
CA ASN A 138 -23.28 7.52 5.09
C ASN A 138 -23.47 6.05 4.64
N ASP A 139 -24.03 5.88 3.45
CA ASP A 139 -24.18 4.56 2.85
C ASP A 139 -22.80 3.95 2.60
N LEU A 140 -21.87 4.80 2.13
CA LEU A 140 -20.53 4.29 1.81
C LEU A 140 -19.84 3.91 3.11
N PHE A 141 -19.96 4.77 4.13
CA PHE A 141 -19.44 4.44 5.46
C PHE A 141 -19.84 3.02 5.91
N ASN A 142 -21.11 2.74 5.82
CA ASN A 142 -21.67 1.44 6.18
C ASN A 142 -20.99 0.33 5.36
N THR A 143 -20.81 0.56 4.05
CA THR A 143 -20.17 -0.42 3.19
C THR A 143 -18.73 -0.67 3.60
N ILE A 144 -18.01 0.41 3.93
CA ILE A 144 -16.65 0.27 4.39
C ILE A 144 -16.57 -0.53 5.69
N LYS A 145 -17.45 -0.18 6.65
CA LYS A 145 -17.46 -0.89 7.93
C LYS A 145 -17.64 -2.41 7.75
N LYS A 146 -18.17 -2.93 6.64
CA LYS A 146 -18.29 -4.35 6.34
C LYS A 146 -17.00 -5.02 5.90
N LEU A 147 -16.04 -4.24 5.42
CA LEU A 147 -14.72 -4.77 4.99
C LEU A 147 -13.96 -5.33 6.15
N ASP A 148 -12.97 -6.25 5.89
CA ASP A 148 -12.14 -6.71 6.98
C ASP A 148 -11.11 -5.64 7.37
N GLY A 149 -10.46 -5.80 8.53
CA GLY A 149 -9.52 -4.80 9.06
C GLY A 149 -8.46 -4.37 8.04
N GLY A 150 -7.81 -5.36 7.40
CA GLY A 150 -6.81 -5.08 6.37
C GLY A 150 -7.34 -4.30 5.17
N GLN A 151 -8.56 -4.66 4.77
CA GLN A 151 -9.19 -3.96 3.68
C GLN A 151 -9.49 -2.51 4.05
N GLN A 152 -9.92 -2.29 5.27
CA GLN A 152 -10.23 -0.92 5.70
C GLN A 152 -9.02 -0.01 5.69
N ILE A 153 -7.85 -0.46 6.21
CA ILE A 153 -6.67 0.35 6.21
C ILE A 153 -6.14 0.53 4.79
N GLN A 154 -6.36 -0.43 3.87
CA GLN A 154 -5.91 -0.31 2.49
C GLN A 154 -6.74 0.76 1.75
N VAL A 155 -8.03 0.83 2.07
CA VAL A 155 -8.89 1.91 1.53
C VAL A 155 -8.40 3.26 2.02
N LEU A 156 -8.13 3.42 3.32
CA LEU A 156 -7.60 4.67 3.83
C LEU A 156 -6.32 5.04 3.16
N ARG A 157 -5.42 4.07 3.05
CA ARG A 157 -4.13 4.34 2.45
C ARG A 157 -4.23 4.81 1.03
N ASP A 158 -5.04 4.13 0.20
CA ASP A 158 -5.20 4.46 -1.23
C ASP A 158 -5.68 5.92 -1.34
N ILE A 159 -6.66 6.25 -0.48
CA ILE A 159 -7.22 7.62 -0.51
C ILE A 159 -6.15 8.68 -0.15
N VAL A 160 -5.40 8.42 0.89
CA VAL A 160 -4.44 9.37 1.42
C VAL A 160 -3.31 9.56 0.40
N VAL A 161 -2.74 8.44 -0.15
CA VAL A 161 -1.58 8.56 -0.99
C VAL A 161 -1.92 9.19 -2.34
N ASN A 162 -3.16 9.18 -2.77
CA ASN A 162 -3.54 9.76 -4.07
C ASN A 162 -3.92 11.25 -3.93
N MET A 163 -3.79 11.82 -2.73
CA MET A 163 -4.02 13.26 -2.53
C MET A 163 -2.81 14.08 -3.01
N GLY A 164 -3.02 15.42 -3.11
CA GLY A 164 -1.95 16.33 -3.49
C GLY A 164 -1.83 16.48 -5.01
N PHE A 165 -1.16 17.55 -5.44
CA PHE A 165 -1.00 17.92 -6.84
C PHE A 165 0.39 17.46 -7.26
N ASP A 166 0.46 16.71 -8.37
CA ASP A 166 1.76 16.45 -9.04
C ASP A 166 1.88 17.27 -10.33
N ALA A 167 2.75 18.29 -10.38
CA ALA A 167 2.80 19.24 -11.49
C ALA A 167 3.46 18.64 -12.72
N SER A 168 4.29 17.62 -12.49
CA SER A 168 5.10 17.03 -13.55
C SER A 168 4.51 15.68 -13.95
N VAL A 169 4.58 15.36 -15.25
CA VAL A 169 4.07 14.11 -15.80
C VAL A 169 5.05 12.99 -15.50
N ALA A 170 6.31 13.36 -15.29
CA ALA A 170 7.35 12.40 -14.97
C ALA A 170 8.20 12.99 -13.86
N PRO A 171 7.74 12.99 -12.58
CA PRO A 171 8.51 13.61 -11.51
C PRO A 171 9.77 12.79 -11.23
N ALA A 172 10.74 13.48 -10.62
CA ALA A 172 11.96 12.84 -10.14
C ALA A 172 11.59 11.76 -9.13
N PRO A 173 12.41 10.69 -8.97
CA PRO A 173 12.38 9.91 -7.72
C PRO A 173 12.44 10.79 -6.46
N ALA A 174 11.76 10.32 -5.39
CA ALA A 174 11.78 10.94 -4.07
C ALA A 174 13.18 10.99 -3.48
N PRO A 175 13.43 12.00 -2.60
CA PRO A 175 14.69 12.09 -1.84
C PRO A 175 15.07 10.79 -1.11
N LYS A 176 16.42 10.59 -1.08
CA LYS A 176 16.94 9.42 -0.37
C LYS A 176 16.62 9.45 1.14
N ALA A 177 16.35 10.61 1.79
CA ALA A 177 15.96 10.61 3.22
C ALA A 177 14.56 10.03 3.59
N GLU A 178 13.66 9.80 2.62
CA GLU A 178 12.39 9.12 2.87
C GLU A 178 12.49 7.57 2.71
N GLU A 179 13.70 7.07 2.74
CA GLU A 179 13.95 5.64 2.62
C GLU A 179 14.16 5.08 4.04
N PHE A 180 13.84 3.80 4.30
CA PHE A 180 14.07 3.17 5.60
C PHE A 180 13.50 4.00 6.74
N GLN A 181 12.20 4.22 6.65
CA GLN A 181 11.52 5.10 7.59
C GLN A 181 11.29 4.46 8.98
N PHE A 182 11.28 3.13 9.07
CA PHE A 182 10.76 2.46 10.23
C PHE A 182 11.89 1.71 10.92
N GLU A 183 11.68 1.53 12.23
CA GLU A 183 12.50 0.59 13.00
C GLU A 183 11.59 -0.50 13.50
N ARG A 184 12.03 -1.73 13.36
CA ARG A 184 11.24 -2.91 13.67
C ARG A 184 11.02 -2.99 15.18
N THR A 185 9.94 -3.67 15.56
CA THR A 185 9.54 -3.84 16.94
C THR A 185 9.55 -5.32 17.30
N GLU A 186 8.96 -6.17 16.44
CA GLU A 186 8.87 -7.61 16.70
C GLU A 186 10.09 -8.30 16.09
N PRO A 187 10.46 -9.51 16.58
CA PRO A 187 11.53 -10.29 15.93
C PRO A 187 11.18 -10.51 14.46
N VAL A 188 12.20 -10.64 13.66
CA VAL A 188 12.02 -11.08 12.27
C VAL A 188 11.20 -12.38 12.25
N VAL A 189 10.26 -12.47 11.32
CA VAL A 189 9.49 -13.70 11.15
C VAL A 189 10.41 -14.93 11.03
N SER A 190 10.11 -15.98 11.84
CA SER A 190 10.87 -17.21 11.86
C SER A 190 10.78 -17.91 10.51
N GLY A 191 11.87 -18.62 10.19
CA GLY A 191 12.10 -19.24 8.86
C GLY A 191 10.82 -19.92 8.35
N LEU A 192 10.35 -19.51 7.18
CA LEU A 192 8.96 -19.82 6.77
C LEU A 192 8.85 -21.25 6.23
N LYS A 193 7.72 -21.86 6.59
CA LYS A 193 7.21 -23.04 5.87
C LYS A 193 5.93 -22.65 5.14
N VAL A 194 5.99 -22.73 3.81
CA VAL A 194 4.86 -22.32 3.03
C VAL A 194 4.33 -23.61 2.36
N ASP A 195 3.19 -24.08 2.84
CA ASP A 195 2.70 -25.40 2.42
C ASP A 195 2.37 -25.33 0.91
N GLY A 196 3.09 -26.12 0.10
CA GLY A 196 2.87 -26.13 -1.33
C GLY A 196 3.91 -25.42 -2.18
N ILE A 197 4.88 -24.75 -1.53
CA ILE A 197 5.88 -23.97 -2.24
C ILE A 197 7.24 -24.52 -1.78
N ASN A 198 7.97 -25.12 -2.74
CA ASN A 198 9.37 -25.50 -2.58
C ASN A 198 10.37 -24.60 -3.34
N ASP A 199 9.90 -23.80 -4.32
CA ASP A 199 10.83 -23.15 -5.24
C ASP A 199 11.67 -22.12 -4.45
N PRO A 200 13.00 -22.15 -4.56
CA PRO A 200 13.82 -21.30 -3.70
C PRO A 200 13.62 -19.82 -3.94
N THR A 201 13.14 -19.41 -5.14
CA THR A 201 13.04 -17.98 -5.47
C THR A 201 12.02 -17.30 -4.56
N PRO A 202 10.75 -17.71 -4.54
CA PRO A 202 9.77 -17.03 -3.68
C PRO A 202 10.14 -17.20 -2.20
N LEU A 203 10.80 -18.30 -1.78
CA LEU A 203 11.17 -18.44 -0.38
C LEU A 203 12.31 -17.47 -0.03
N ALA A 204 13.25 -17.27 -0.95
CA ALA A 204 14.31 -16.27 -0.72
C ALA A 204 13.73 -14.87 -0.68
N TYR A 205 12.70 -14.62 -1.48
CA TYR A 205 12.04 -13.32 -1.53
C TYR A 205 11.50 -13.01 -0.15
N PHE A 206 10.70 -13.92 0.40
CA PHE A 206 10.11 -13.65 1.70
C PHE A 206 11.17 -13.50 2.79
N GLU A 207 12.17 -14.36 2.75
CA GLU A 207 13.23 -14.31 3.74
C GLU A 207 13.92 -12.94 3.69
N ALA A 208 14.22 -12.45 2.48
CA ALA A 208 14.90 -11.16 2.37
C ALA A 208 14.03 -9.99 2.82
N MET A 209 12.77 -9.93 2.39
CA MET A 209 11.91 -8.80 2.65
C MET A 209 11.66 -8.76 4.17
N ASN A 210 11.58 -9.91 4.81
CA ASN A 210 11.25 -9.99 6.23
C ASN A 210 12.42 -9.44 7.10
N ARG A 211 13.62 -9.41 6.58
CA ARG A 211 14.78 -8.84 7.30
C ARG A 211 15.36 -7.60 6.62
N ASP A 212 14.56 -6.93 5.80
CA ASP A 212 14.91 -5.72 5.06
C ASP A 212 16.19 -5.87 4.28
N ASP A 213 16.42 -7.06 3.72
CA ASP A 213 17.62 -7.28 2.91
C ASP A 213 17.21 -7.03 1.43
N PHE A 214 17.10 -5.78 1.04
CA PHE A 214 16.53 -5.43 -0.28
C PHE A 214 17.54 -5.70 -1.39
N GLU A 215 18.86 -5.68 -1.10
CA GLU A 215 19.86 -6.02 -2.10
C GLU A 215 19.69 -7.45 -2.60
N THR A 216 19.40 -8.37 -1.68
CA THR A 216 19.06 -9.75 -2.08
C THR A 216 17.73 -9.75 -2.81
N ALA A 217 16.70 -9.08 -2.23
CA ALA A 217 15.36 -9.21 -2.80
C ALA A 217 15.34 -8.71 -4.28
N VAL A 218 16.00 -7.57 -4.54
N VAL A 218 15.97 -7.56 -4.56
CA VAL A 218 15.87 -6.98 -5.85
CA VAL A 218 15.84 -7.00 -5.90
C VAL A 218 16.62 -7.82 -6.86
C VAL A 218 16.63 -7.83 -6.89
N ASN A 219 17.71 -8.49 -6.43
CA ASN A 219 18.53 -9.30 -7.34
C ASN A 219 17.81 -10.61 -7.71
N LEU A 220 16.73 -10.96 -7.03
CA LEU A 220 15.85 -12.08 -7.43
C LEU A 220 15.01 -11.77 -8.69
N PHE A 221 14.80 -10.50 -9.05
CA PHE A 221 14.07 -10.03 -10.19
C PHE A 221 14.95 -10.13 -11.45
N ALA A 222 14.25 -10.53 -12.52
CA ALA A 222 14.73 -10.31 -13.90
C ALA A 222 15.12 -8.85 -14.07
N GLU A 223 15.97 -8.60 -15.06
CA GLU A 223 16.35 -7.24 -15.38
CA GLU A 223 16.34 -7.21 -15.29
C GLU A 223 15.16 -6.35 -15.69
N ASP A 224 14.17 -6.91 -16.39
CA ASP A 224 12.95 -6.21 -16.75
C ASP A 224 11.77 -6.74 -15.90
N GLY A 225 12.08 -7.25 -14.71
CA GLY A 225 11.02 -7.75 -13.84
C GLY A 225 10.19 -6.61 -13.21
N ALA A 226 9.01 -6.96 -12.72
CA ALA A 226 8.09 -5.99 -12.20
C ALA A 226 7.47 -6.46 -10.86
N LEU A 227 7.11 -5.48 -10.05
CA LEU A 227 6.43 -5.65 -8.75
C LEU A 227 5.16 -4.81 -8.80
N GLN A 228 4.01 -5.45 -8.66
CA GLN A 228 2.70 -4.81 -8.76
C GLN A 228 2.10 -4.81 -7.33
N PRO A 229 2.07 -3.64 -6.64
CA PRO A 229 1.43 -3.52 -5.34
C PRO A 229 -0.09 -3.44 -5.49
N PRO A 230 -0.87 -3.66 -4.40
CA PRO A 230 -2.31 -3.67 -4.50
C PRO A 230 -2.86 -2.37 -5.06
N PHE A 231 -3.63 -2.56 -6.16
CA PHE A 231 -4.34 -1.48 -6.86
C PHE A 231 -3.38 -0.38 -7.34
N GLN A 232 -2.12 -0.77 -7.62
CA GLN A 232 -1.13 0.14 -8.17
C GLN A 232 -0.56 -0.41 -9.47
N LYS A 233 0.06 0.48 -10.26
CA LYS A 233 0.71 0.08 -11.48
C LYS A 233 2.01 -0.66 -11.15
N PRO A 234 2.49 -1.55 -12.04
CA PRO A 234 3.74 -2.28 -11.82
C PRO A 234 4.95 -1.35 -11.80
N ILE A 235 5.89 -1.66 -10.95
CA ILE A 235 7.18 -1.01 -10.78
C ILE A 235 8.17 -1.89 -11.48
N VAL A 236 8.85 -1.35 -12.49
CA VAL A 236 9.62 -2.14 -13.42
C VAL A 236 11.14 -1.85 -13.38
N GLY A 237 11.94 -2.93 -13.35
CA GLY A 237 13.40 -2.89 -13.33
C GLY A 237 13.95 -2.78 -11.92
N ARG A 238 15.17 -3.22 -11.77
CA ARG A 238 15.72 -3.32 -10.41
C ARG A 238 15.98 -1.95 -9.76
N GLU A 239 16.33 -0.91 -10.56
CA GLU A 239 16.56 0.39 -9.93
C GLU A 239 15.28 0.94 -9.30
N ALA A 240 14.18 0.86 -10.04
CA ALA A 240 12.93 1.40 -9.61
C ALA A 240 12.38 0.55 -8.45
N ILE A 241 12.55 -0.79 -8.56
CA ILE A 241 12.04 -1.69 -7.54
C ILE A 241 12.78 -1.50 -6.20
N LEU A 242 14.11 -1.32 -6.23
CA LEU A 242 14.86 -1.12 -5.01
C LEU A 242 14.49 0.20 -4.31
N LYS A 243 14.32 1.28 -5.11
CA LYS A 243 13.93 2.55 -4.58
C LYS A 243 12.56 2.43 -3.86
N TYR A 244 11.60 1.77 -4.58
CA TYR A 244 10.25 1.52 -4.03
C TYR A 244 10.35 0.70 -2.75
N MET A 245 11.17 -0.37 -2.79
CA MET A 245 11.26 -1.24 -1.60
C MET A 245 11.73 -0.46 -0.36
N ARG A 246 12.71 0.37 -0.55
CA ARG A 246 13.27 1.23 0.50
C ARG A 246 12.31 2.30 1.04
N GLU A 247 11.45 2.82 0.16
CA GLU A 247 10.46 3.84 0.47
C GLU A 247 9.21 3.26 1.13
N GLU A 248 8.75 2.07 0.62
CA GLU A 248 7.38 1.63 0.94
C GLU A 248 7.23 0.17 1.39
N ALA A 249 8.23 -0.68 1.19
CA ALA A 249 8.16 -2.07 1.56
C ALA A 249 9.04 -2.47 2.73
N GLN A 250 9.52 -1.51 3.56
CA GLN A 250 10.43 -1.72 4.66
C GLN A 250 9.66 -1.83 5.99
N GLY A 251 10.11 -2.77 6.80
CA GLY A 251 9.54 -3.02 8.12
C GLY A 251 8.29 -3.89 8.13
N LEU A 252 7.99 -4.56 7.02
CA LEU A 252 6.82 -5.44 6.93
C LEU A 252 7.13 -6.81 7.59
N ASN A 253 6.08 -7.49 8.13
CA ASN A 253 6.22 -8.87 8.57
C ASN A 253 5.30 -9.66 7.68
N MET A 254 5.88 -10.52 6.85
CA MET A 254 5.15 -11.33 5.89
C MET A 254 5.14 -12.78 6.38
N ARG A 255 3.91 -13.32 6.52
CA ARG A 255 3.67 -14.69 6.93
C ARG A 255 2.87 -15.44 5.87
N PRO A 256 3.46 -15.64 4.65
CA PRO A 256 2.88 -16.63 3.72
C PRO A 256 2.85 -17.99 4.38
N ALA A 257 1.76 -18.77 4.17
CA ALA A 257 1.63 -20.02 4.87
C ALA A 257 1.11 -21.15 3.98
N GLN A 258 0.62 -20.86 2.77
CA GLN A 258 0.16 -21.89 1.85
C GLN A 258 0.23 -21.29 0.44
N GLY A 259 0.40 -22.12 -0.53
CA GLY A 259 0.37 -21.68 -1.91
C GLY A 259 0.44 -22.85 -2.91
N ILE A 260 0.48 -22.53 -4.21
CA ILE A 260 0.44 -23.57 -5.23
C ILE A 260 1.27 -23.10 -6.42
N ALA A 261 1.76 -24.05 -7.16
CA ALA A 261 2.52 -23.73 -8.38
C ALA A 261 1.92 -24.48 -9.56
N GLU A 262 2.20 -23.93 -10.77
CA GLU A 262 2.04 -24.63 -12.02
C GLU A 262 3.31 -24.43 -12.83
N VAL A 263 3.84 -25.53 -13.42
CA VAL A 263 5.04 -25.40 -14.29
C VAL A 263 4.58 -25.37 -15.73
N LEU A 264 5.07 -24.43 -16.50
CA LEU A 264 4.74 -24.32 -17.90
C LEU A 264 5.73 -25.18 -18.68
N PRO A 265 5.38 -25.52 -19.97
CA PRO A 265 6.24 -26.44 -20.74
C PRO A 265 7.69 -26.05 -20.90
N ASP A 266 7.98 -24.74 -20.97
CA ASP A 266 9.35 -24.29 -21.14
C ASP A 266 10.12 -24.19 -19.80
N GLY A 267 9.51 -24.52 -18.65
CA GLY A 267 10.20 -24.40 -17.38
C GLY A 267 9.90 -23.07 -16.64
N SER A 268 9.12 -22.20 -17.25
CA SER A 268 8.64 -21.04 -16.52
C SER A 268 7.69 -21.60 -15.46
N LYS A 269 7.33 -20.79 -14.47
N LYS A 269 7.38 -20.78 -14.46
CA LYS A 269 6.51 -21.29 -13.38
CA LYS A 269 6.42 -21.17 -13.45
C LYS A 269 5.63 -20.13 -12.88
C LYS A 269 5.48 -20.03 -13.11
N GLN A 270 4.32 -20.41 -12.57
CA GLN A 270 3.42 -19.42 -12.03
C GLN A 270 3.02 -19.97 -10.65
N LEU A 271 3.09 -19.10 -9.62
CA LEU A 271 2.81 -19.49 -8.24
C LEU A 271 1.84 -18.52 -7.66
N ARG A 272 0.92 -19.01 -6.79
CA ARG A 272 0.09 -18.08 -6.06
C ARG A 272 0.13 -18.51 -4.58
N VAL A 273 0.69 -17.63 -3.76
CA VAL A 273 0.95 -17.84 -2.33
C VAL A 273 -0.02 -16.91 -1.57
N THR A 274 -0.44 -17.35 -0.38
CA THR A 274 -1.29 -16.53 0.46
C THR A 274 -0.85 -16.58 1.92
N GLY A 275 -1.21 -15.51 2.65
CA GLY A 275 -1.01 -15.48 4.06
C GLY A 275 -1.24 -14.08 4.60
N LYS A 276 -0.60 -13.79 5.74
CA LYS A 276 -0.99 -12.61 6.51
C LYS A 276 0.25 -11.70 6.60
N VAL A 277 -0.02 -10.39 6.55
CA VAL A 277 1.09 -9.42 6.61
C VAL A 277 0.74 -8.31 7.60
N GLN A 278 1.77 -7.87 8.31
CA GLN A 278 1.64 -6.71 9.19
C GLN A 278 2.41 -5.54 8.60
N THR A 279 1.80 -4.34 8.65
CA THR A 279 2.47 -3.09 8.26
C THR A 279 2.95 -2.36 9.52
N PRO A 280 4.13 -1.74 9.48
CA PRO A 280 4.62 -0.91 10.60
C PRO A 280 3.69 0.19 11.05
N TRP A 281 2.68 0.55 10.23
CA TRP A 281 1.66 1.50 10.65
C TRP A 281 0.74 0.94 11.72
N PHE A 282 0.49 -0.39 11.79
CA PHE A 282 -0.46 -1.00 12.74
C PHE A 282 0.16 -2.12 13.56
N GLY A 283 1.38 -2.57 13.19
CA GLY A 283 1.98 -3.59 14.03
C GLY A 283 1.13 -4.86 14.07
N VAL A 284 1.06 -5.46 15.32
CA VAL A 284 0.32 -6.70 15.48
C VAL A 284 -1.19 -6.43 15.46
N ASN A 285 -1.64 -5.18 15.40
CA ASN A 285 -3.04 -4.88 15.54
C ASN A 285 -3.88 -5.26 14.31
N VAL A 286 -3.28 -5.31 13.10
CA VAL A 286 -4.01 -5.60 11.86
C VAL A 286 -3.23 -6.67 11.09
N ALA A 287 -3.91 -7.80 10.86
CA ALA A 287 -3.36 -8.82 9.98
C ALA A 287 -4.05 -8.74 8.64
N MET A 288 -3.30 -8.30 7.65
CA MET A 288 -3.83 -8.17 6.30
C MET A 288 -3.75 -9.54 5.61
N ASN A 289 -4.81 -9.96 4.93
CA ASN A 289 -4.80 -11.19 4.12
C ASN A 289 -4.36 -10.83 2.70
N LEU A 290 -3.26 -11.41 2.22
CA LEU A 290 -2.69 -11.07 0.90
C LEU A 290 -2.53 -12.35 0.09
N ALA A 291 -2.49 -12.15 -1.24
CA ALA A 291 -1.99 -13.13 -2.17
C ALA A 291 -0.79 -12.56 -2.93
N TRP A 292 0.23 -13.37 -3.18
CA TRP A 292 1.37 -13.05 -4.06
C TRP A 292 1.18 -13.95 -5.28
N ARG A 293 1.18 -13.35 -6.46
CA ARG A 293 1.18 -14.11 -7.70
C ARG A 293 2.50 -13.90 -8.41
N PHE A 294 3.34 -14.91 -8.44
CA PHE A 294 4.69 -14.88 -9.02
C PHE A 294 4.67 -15.52 -10.41
N ALA A 295 5.31 -14.84 -11.36
CA ALA A 295 5.66 -15.42 -12.67
C ALA A 295 7.17 -15.51 -12.75
N LEU A 296 7.71 -16.72 -12.82
CA LEU A 296 9.17 -16.94 -12.81
C LEU A 296 9.59 -17.38 -14.24
N ASN A 297 10.67 -16.78 -14.73
CA ASN A 297 11.31 -17.27 -15.94
C ASN A 297 11.94 -18.63 -15.71
N PRO A 298 12.29 -19.36 -16.79
CA PRO A 298 12.99 -20.61 -16.64
C PRO A 298 14.28 -20.66 -15.85
N ASP A 299 14.98 -19.56 -15.72
CA ASP A 299 16.19 -19.46 -14.91
C ASP A 299 15.88 -19.23 -13.40
N GLY A 300 14.58 -19.15 -13.05
CA GLY A 300 14.18 -19.00 -11.64
C GLY A 300 14.05 -17.52 -11.22
N LYS A 301 14.34 -16.53 -12.09
CA LYS A 301 14.20 -15.13 -11.69
C LYS A 301 12.73 -14.72 -11.70
N ILE A 302 12.41 -13.76 -10.79
CA ILE A 302 11.07 -13.18 -10.78
C ILE A 302 10.93 -12.27 -12.01
N PHE A 303 10.05 -12.63 -12.95
CA PHE A 303 9.64 -11.75 -14.04
C PHE A 303 8.58 -10.78 -13.53
N PHE A 304 7.66 -11.30 -12.66
CA PHE A 304 6.56 -10.49 -12.17
C PHE A 304 6.11 -11.03 -10.80
N VAL A 305 5.75 -10.14 -9.90
CA VAL A 305 5.01 -10.50 -8.69
C VAL A 305 3.96 -9.42 -8.48
N ALA A 306 2.70 -9.91 -8.41
CA ALA A 306 1.55 -9.13 -8.00
C ALA A 306 1.24 -9.44 -6.53
N ILE A 307 0.94 -8.36 -5.78
CA ILE A 307 0.46 -8.49 -4.39
C ILE A 307 -1.00 -8.02 -4.40
N ASP A 308 -1.94 -8.95 -4.17
CA ASP A 308 -3.35 -8.68 -4.16
C ASP A 308 -3.84 -8.60 -2.70
N MET A 309 -4.70 -7.59 -2.39
CA MET A 309 -5.35 -7.50 -1.11
C MET A 309 -6.56 -8.42 -1.14
N LEU A 310 -6.67 -9.30 -0.13
CA LEU A 310 -7.79 -10.20 0.07
C LEU A 310 -8.66 -9.71 1.24
N GLY A 311 -9.77 -10.40 1.41
CA GLY A 311 -10.78 -9.99 2.38
C GLY A 311 -11.38 -11.05 3.26
N SER A 312 -10.82 -12.23 3.35
CA SER A 312 -11.56 -13.33 3.95
C SER A 312 -10.63 -14.52 4.04
N PRO A 313 -10.90 -15.41 5.03
CA PRO A 313 -10.15 -16.66 5.09
C PRO A 313 -10.29 -17.51 3.88
N GLU A 314 -11.48 -17.59 3.28
CA GLU A 314 -11.68 -18.47 2.15
C GLU A 314 -10.78 -18.12 0.95
N GLU A 315 -10.40 -16.81 0.85
CA GLU A 315 -9.57 -16.35 -0.28
C GLU A 315 -8.13 -16.83 -0.16
N LEU A 316 -7.77 -17.33 1.01
CA LEU A 316 -6.41 -17.88 1.26
C LEU A 316 -6.26 -19.23 0.54
N LEU A 317 -7.36 -19.95 0.29
CA LEU A 317 -7.25 -21.29 -0.31
C LEU A 317 -6.79 -21.16 -1.79
N ASN A 318 -6.30 -22.28 -2.32
CA ASN A 318 -5.87 -22.33 -3.71
C ASN A 318 -7.11 -22.23 -4.61
N LEU A 319 -6.96 -21.58 -5.76
CA LEU A 319 -8.00 -21.40 -6.74
C LEU A 319 -8.25 -22.66 -7.58
N ARG A 320 -9.49 -22.71 -8.08
CA ARG A 320 -10.05 -23.90 -8.74
C ARG A 320 -10.23 -23.66 -10.24
N PRO A 321 -9.40 -24.30 -11.11
CA PRO A 321 -9.53 -24.25 -12.59
C PRO A 321 -10.88 -24.85 -12.97
N PRO A 322 -11.45 -24.53 -14.17
CA PRO A 322 -10.81 -23.68 -15.18
C PRO A 322 -10.81 -22.17 -14.94
N SER A 323 -11.79 -21.65 -14.18
CA SER A 323 -11.93 -20.21 -14.06
C SER A 323 -11.05 -19.61 -12.93
N TYR A 324 -10.53 -20.46 -12.03
CA TYR A 324 -9.64 -20.00 -10.95
C TYR A 324 -10.48 -19.19 -9.97
N ARG A 325 -11.47 -19.91 -9.42
CA ARG A 325 -12.44 -19.43 -8.44
C ARG A 325 -12.30 -20.11 -7.08
C1 ECH B . -8.25 13.09 9.25
C2 ECH B . -9.51 13.72 8.65
C3 ECH B . -9.28 14.45 7.37
C4 ECH B . -8.70 13.55 6.30
C5 ECH B . -7.67 12.59 6.82
C6 ECH B . -7.55 12.33 8.14
C7 ECH B . -6.54 11.41 8.70
C8 ECH B . -6.26 10.16 8.25
C9 ECH B . -5.24 9.31 8.71
C10 ECH B . -5.08 8.04 8.06
C11 ECH B . -4.11 7.09 8.32
C12 ECH B . -3.97 5.92 7.66
C13 ECH B . -2.90 5.01 7.70
C14 ECH B . -2.96 3.86 6.94
C15 ECH B . -1.93 2.88 6.67
C16 ECH B . -2.13 1.81 5.86
C17 ECH B . -1.11 0.87 5.50
C18 ECH B . -1.27 -0.24 4.68
C19 ECH B . -0.17 -1.00 4.27
C20 ECH B . -0.22 -2.11 3.45
C21 ECH B . 0.95 -2.72 3.00
C22 ECH B . 1.06 -3.81 2.14
C23 ECH B . 2.29 -4.13 1.68
C24 ECH B . 2.60 -5.27 0.99
C25 ECH B . 3.77 -5.53 0.10
C26 ECH B . 4.16 -6.89 0.02
C27 ECH B . 5.21 -7.32 -0.89
O27 ECH B . 5.60 -8.55 -1.01
C28 ECH B . 5.94 -6.29 -1.68
C29 ECH B . 5.81 -4.88 -1.18
C30 ECH B . 4.41 -4.45 -0.76
C31 ECH B . -8.66 12.13 10.38
C32 ECH B . -7.33 14.19 9.82
C33 ECH B . -6.82 12.10 5.68
C34 ECH B . -4.37 9.62 9.89
C35 ECH B . -1.75 5.22 8.52
C36 ECH B . -2.63 -0.71 4.21
C37 ECH B . -0.22 -4.59 1.76
C38 ECH B . 3.63 -7.99 0.86
C39 ECH B . 3.53 -4.28 -1.96
C40 ECH B . 4.60 -3.11 -0.11
S SO4 C . 0.13 4.14 -8.91
O1 SO4 C . 1.39 3.55 -8.58
O2 SO4 C . -0.79 3.22 -9.46
O3 SO4 C . 0.33 5.25 -9.80
O4 SO4 C . -0.45 4.66 -7.71
S SO4 D . -18.25 -22.56 -3.79
O1 SO4 D . -17.49 -23.79 -3.76
O2 SO4 D . -17.37 -21.43 -3.57
O3 SO4 D . -19.25 -22.59 -2.76
O4 SO4 D . -18.89 -22.46 -5.08
#